data_7MAP
#
_entry.id   7MAP
#
_cell.length_a   62.302
_cell.length_b   62.302
_cell.length_c   82.368
_cell.angle_alpha   90.000
_cell.angle_beta   90.000
_cell.angle_gamma   120.000
#
_symmetry.space_group_name_H-M   'P 61'
#
loop_
_entity.id
_entity.type
_entity.pdbx_description
1 polymer Protease
2 non-polymer (3R,3AS,6AR)-HEXAHYDROFURO[2,3-B]FURAN-3-YL(1S,2R)-3-[[(4-AMINOPHENYL)SULFONYL](ISOBUTYL)AMINO]-1-BENZYL-2-HYDROXYPROPYLCARBAMATE
3 water water
#
_entity_poly.entity_id   1
_entity_poly.type   'polypeptide(L)'
_entity_poly.pdbx_seq_one_letter_code
;PQITLWKRPIVTIKIGGQLKEALLDTGADDTIFEEMNLPGRWKPIIIGGVGGFIKVRQYDQILIEICGHKVIGTVLVGPT
PINVIGRNLLTQIGCTLNF
;
_entity_poly.pdbx_strand_id   A,B
#
loop_
_chem_comp.id
_chem_comp.type
_chem_comp.name
_chem_comp.formula
017 non-polymer (3R,3AS,6AR)-HEXAHYDROFURO[2,3-B]FURAN-3-YL(1S,2R)-3-[[(4-AMINOPHENYL)SULFONYL](ISOBUTYL)AMINO]-1-BENZYL-2-HYDROXYPROPYLCARBAMATE 'C27 H37 N3 O7 S'
#
# COMPACT_ATOMS: atom_id res chain seq x y z
N PRO A 1 1.77 14.44 12.63
CA PRO A 1 1.19 13.38 13.48
C PRO A 1 1.89 12.04 13.34
N GLN A 2 1.77 11.21 14.36
CA GLN A 2 2.19 9.81 14.28
C GLN A 2 0.93 8.96 14.13
N ILE A 3 0.92 8.10 13.12
CA ILE A 3 -0.25 7.29 12.79
C ILE A 3 0.11 5.83 13.00
N THR A 4 -0.62 5.16 13.89
CA THR A 4 -0.52 3.72 14.02
C THR A 4 -1.42 3.06 12.98
N LEU A 5 -1.30 1.74 12.85
CA LEU A 5 -1.89 1.01 11.74
C LEU A 5 -2.92 -0.01 12.18
N TRP A 6 -3.51 0.16 13.36
CA TRP A 6 -4.59 -0.74 13.78
C TRP A 6 -5.84 -0.54 12.91
N LYS A 7 -6.06 0.67 12.42
CA LYS A 7 -7.08 0.93 11.43
C LYS A 7 -6.40 1.47 10.17
N ARG A 8 -7.13 1.42 9.05
CA ARG A 8 -6.59 1.96 7.82
C ARG A 8 -6.17 3.42 8.03
N PRO A 9 -4.95 3.80 7.65
CA PRO A 9 -4.53 5.22 7.82
C PRO A 9 -5.16 6.12 6.76
N ILE A 10 -6.45 6.39 6.93
CA ILE A 10 -7.21 7.20 6.00
C ILE A 10 -7.23 8.63 6.53
N VAL A 11 -6.88 9.59 5.67
CA VAL A 11 -6.81 10.99 6.06
C VAL A 11 -7.70 11.81 5.14
N THR A 12 -7.98 13.02 5.59
CA THR A 12 -8.81 13.97 4.85
C THR A 12 -7.93 14.83 3.96
N ILE A 13 -8.33 14.98 2.70
CA ILE A 13 -7.56 15.74 1.72
C ILE A 13 -8.50 16.65 0.94
N LYS A 14 -7.94 17.75 0.42
CA LYS A 14 -8.65 18.66 -0.46
C LYS A 14 -7.97 18.63 -1.82
N ILE A 15 -8.76 18.39 -2.87
CA ILE A 15 -8.22 18.26 -4.23
C ILE A 15 -9.25 18.80 -5.21
N GLY A 16 -8.82 19.68 -6.09
CA GLY A 16 -9.73 20.23 -7.10
C GLY A 16 -10.99 20.84 -6.51
N GLY A 17 -10.85 21.52 -5.38
CA GLY A 17 -11.99 22.12 -4.72
C GLY A 17 -12.93 21.16 -4.03
N GLN A 18 -12.65 19.87 -4.08
CA GLN A 18 -13.51 18.85 -3.48
C GLN A 18 -12.86 18.30 -2.22
N LEU A 19 -13.70 17.85 -1.29
CA LEU A 19 -13.24 17.18 -0.08
C LEU A 19 -13.27 15.68 -0.31
N LYS A 20 -12.20 14.99 0.08
CA LYS A 20 -12.10 13.55 -0.13
C LYS A 20 -11.26 12.93 0.98
N GLU A 21 -11.42 11.63 1.14
CA GLU A 21 -10.59 10.82 2.02
C GLU A 21 -9.70 9.92 1.19
N ALA A 22 -8.47 9.70 1.65
CA ALA A 22 -7.51 8.91 0.90
C ALA A 22 -6.65 8.10 1.84
N LEU A 23 -6.20 6.95 1.35
CA LEU A 23 -5.40 6.01 2.13
C LEU A 23 -3.92 6.29 1.93
N LEU A 24 -3.22 6.53 3.03
CA LEU A 24 -1.76 6.66 2.98
C LEU A 24 -1.16 5.29 2.65
N ASP A 25 -0.70 5.13 1.41
CA ASP A 25 -0.29 3.83 0.89
C ASP A 25 1.20 3.89 0.53
N THR A 26 2.04 3.38 1.43
CA THR A 26 3.46 3.28 1.14
C THR A 26 3.75 2.25 0.06
N GLY A 27 2.82 1.33 -0.18
CA GLY A 27 2.95 0.37 -1.26
C GLY A 27 2.57 0.89 -2.61
N ALA A 28 2.14 2.14 -2.69
CA ALA A 28 1.71 2.76 -3.94
C ALA A 28 2.79 3.74 -4.40
N ASP A 29 3.37 3.46 -5.57
CA ASP A 29 4.38 4.35 -6.12
C ASP A 29 3.78 5.72 -6.43
N ASP A 30 2.53 5.76 -6.86
CA ASP A 30 1.91 6.99 -7.31
C ASP A 30 0.50 7.12 -6.74
N THR A 31 -0.02 8.34 -6.80
CA THR A 31 -1.34 8.64 -6.27
C THR A 31 -2.41 8.33 -7.30
N ILE A 32 -3.51 7.75 -6.85
CA ILE A 32 -4.62 7.39 -7.73
C ILE A 32 -5.93 7.70 -7.01
N PHE A 33 -6.86 8.33 -7.71
CA PHE A 33 -8.15 8.71 -7.16
C PHE A 33 -9.27 8.12 -8.01
N GLU A 34 -10.35 7.72 -7.36
CA GLU A 34 -11.55 7.32 -8.07
C GLU A 34 -11.99 8.44 -9.02
N GLU A 35 -12.95 8.13 -9.89
CA GLU A 35 -13.39 9.09 -10.88
C GLU A 35 -13.82 10.39 -10.21
N MET A 36 -13.35 11.52 -10.76
CA MET A 36 -13.65 12.81 -10.18
C MET A 36 -13.42 13.90 -11.22
N ASN A 37 -14.05 15.05 -10.99
CA ASN A 37 -14.05 16.17 -11.93
C ASN A 37 -12.83 17.05 -11.71
N LEU A 38 -11.66 16.68 -12.40
CA LEU A 38 -10.49 17.52 -12.44
C LEU A 38 -10.45 18.39 -13.69
N PRO A 39 -9.88 19.59 -13.60
CA PRO A 39 -9.69 20.41 -14.80
C PRO A 39 -8.37 20.15 -15.51
N GLY A 40 -8.39 20.44 -16.81
CA GLY A 40 -7.18 20.47 -17.62
C GLY A 40 -7.03 19.26 -18.51
N ARG A 41 -5.89 19.23 -19.20
CA ARG A 41 -5.58 18.14 -20.10
C ARG A 41 -5.08 16.93 -19.31
N TRP A 42 -5.05 15.77 -19.96
CA TRP A 42 -4.66 14.54 -19.30
C TRP A 42 -4.20 13.56 -20.37
N LYS A 43 -3.51 12.51 -19.91
CA LYS A 43 -3.00 11.47 -20.81
C LYS A 43 -3.45 10.10 -20.32
N PRO A 44 -3.93 9.23 -21.20
CA PRO A 44 -4.27 7.87 -20.78
C PRO A 44 -3.02 7.14 -20.26
N ILE A 45 -3.22 6.33 -19.23
CA ILE A 45 -2.13 5.60 -18.60
C ILE A 45 -2.66 4.27 -18.10
N ILE A 46 -1.82 3.25 -18.12
CA ILE A 46 -2.17 1.91 -17.66
C ILE A 46 -1.28 1.58 -16.48
N ILE A 47 -1.89 1.32 -15.33
CA ILE A 47 -1.18 0.97 -14.11
C ILE A 47 -1.51 -0.48 -13.73
N GLY A 48 -0.76 -1.00 -12.78
CA GLY A 48 -0.91 -2.39 -12.38
C GLY A 48 -1.04 -2.55 -10.88
N GLY A 49 -1.71 -3.64 -10.50
CA GLY A 49 -1.88 -3.98 -9.10
C GLY A 49 -1.92 -5.48 -8.86
N VAL A 50 -2.55 -5.92 -7.78
CA VAL A 50 -2.58 -7.35 -7.48
C VAL A 50 -3.44 -8.09 -8.49
N GLY A 51 -4.64 -7.58 -8.76
CA GLY A 51 -5.59 -8.23 -9.63
C GLY A 51 -5.40 -8.00 -11.10
N GLY A 52 -4.39 -7.21 -11.50
CA GLY A 52 -4.19 -6.92 -12.90
C GLY A 52 -3.95 -5.44 -13.14
N PHE A 53 -4.46 -4.91 -14.24
CA PHE A 53 -4.21 -3.55 -14.64
C PHE A 53 -5.51 -2.79 -14.86
N ILE A 54 -5.43 -1.48 -14.70
CA ILE A 54 -6.54 -0.58 -14.99
C ILE A 54 -6.01 0.59 -15.81
N LYS A 55 -6.89 1.15 -16.64
CA LYS A 55 -6.56 2.34 -17.42
C LYS A 55 -6.95 3.59 -16.64
N VAL A 56 -6.04 4.55 -16.56
CA VAL A 56 -6.27 5.77 -15.82
C VAL A 56 -5.72 6.95 -16.61
N ARG A 57 -6.16 8.14 -16.24
CA ARG A 57 -5.71 9.39 -16.85
C ARG A 57 -4.77 10.09 -15.89
N GLN A 58 -3.60 10.47 -16.39
CA GLN A 58 -2.55 11.06 -15.57
C GLN A 58 -2.64 12.58 -15.69
N TYR A 59 -2.71 13.25 -14.54
CA TYR A 59 -2.66 14.70 -14.45
C TYR A 59 -1.39 15.07 -13.69
N ASP A 60 -0.65 16.06 -14.19
CA ASP A 60 0.58 16.49 -13.56
C ASP A 60 0.41 17.85 -12.91
N GLN A 61 1.22 18.11 -11.88
CA GLN A 61 1.18 19.36 -11.14
C GLN A 61 -0.23 19.65 -10.61
N ILE A 62 -0.75 18.69 -9.84
CA ILE A 62 -2.05 18.81 -9.20
C ILE A 62 -1.83 19.20 -7.75
N LEU A 63 -2.56 20.22 -7.29
CA LEU A 63 -2.42 20.68 -5.92
C LEU A 63 -3.32 19.85 -5.02
N ILE A 64 -2.72 19.21 -4.02
CA ILE A 64 -3.45 18.49 -2.99
C ILE A 64 -3.08 19.06 -1.63
N GLU A 65 -4.06 19.14 -0.75
CA GLU A 65 -3.85 19.49 0.66
C GLU A 65 -4.13 18.22 1.46
N ILE A 66 -3.07 17.56 1.90
CA ILE A 66 -3.18 16.27 2.59
C ILE A 66 -3.13 16.54 4.09
N CYS A 67 -4.29 16.41 4.75
CA CYS A 67 -4.40 16.63 6.19
C CYS A 67 -3.77 17.98 6.57
N GLY A 68 -4.10 19.00 5.80
CA GLY A 68 -3.56 20.32 6.04
C GLY A 68 -2.15 20.53 5.58
N HIS A 69 -1.63 19.66 4.71
CA HIS A 69 -0.31 19.82 4.12
C HIS A 69 -0.47 19.92 2.61
N LYS A 70 0.01 21.02 2.03
CA LYS A 70 -0.13 21.23 0.60
C LYS A 70 1.00 20.52 -0.15
N VAL A 71 0.65 19.92 -1.29
CA VAL A 71 1.64 19.27 -2.15
C VAL A 71 1.16 19.38 -3.59
N ILE A 72 2.12 19.33 -4.51
CA ILE A 72 1.83 19.40 -5.95
C ILE A 72 2.55 18.23 -6.61
N GLY A 73 1.79 17.38 -7.29
CA GLY A 73 2.40 16.24 -7.96
C GLY A 73 1.42 15.59 -8.91
N THR A 74 1.86 14.46 -9.47
CA THR A 74 1.04 13.73 -10.41
C THR A 74 -0.08 12.99 -9.70
N VAL A 75 -1.29 13.07 -10.26
CA VAL A 75 -2.46 12.41 -9.71
C VAL A 75 -3.14 11.65 -10.83
N LEU A 76 -3.25 10.33 -10.68
CA LEU A 76 -3.97 9.49 -11.63
C LEU A 76 -5.43 9.38 -11.20
N VAL A 77 -6.33 9.36 -12.18
CA VAL A 77 -7.76 9.25 -11.94
C VAL A 77 -8.27 8.06 -12.72
N GLY A 78 -8.91 7.12 -12.02
CA GLY A 78 -9.41 5.93 -12.65
C GLY A 78 -10.13 5.00 -11.69
N PRO A 79 -10.47 3.80 -12.16
CA PRO A 79 -11.29 2.87 -11.36
C PRO A 79 -10.52 2.14 -10.27
N THR A 80 -9.97 2.91 -9.33
CA THR A 80 -9.39 2.32 -8.14
C THR A 80 -10.50 2.04 -7.12
N PRO A 81 -10.38 0.96 -6.33
CA PRO A 81 -11.41 0.71 -5.31
C PRO A 81 -11.40 1.71 -4.17
N ILE A 82 -10.34 2.51 -4.04
CA ILE A 82 -10.26 3.51 -2.99
C ILE A 82 -9.19 4.53 -3.39
N ASN A 83 -9.36 5.77 -2.95
CA ASN A 83 -8.35 6.79 -3.19
C ASN A 83 -7.09 6.46 -2.42
N VAL A 84 -5.94 6.56 -3.10
CA VAL A 84 -4.66 6.13 -2.54
C VAL A 84 -3.64 7.24 -2.73
N ILE A 85 -3.01 7.66 -1.63
CA ILE A 85 -1.89 8.60 -1.68
C ILE A 85 -0.61 7.77 -1.80
N GLY A 86 0.06 7.87 -2.95
CA GLY A 86 1.24 7.09 -3.22
C GLY A 86 2.52 7.80 -2.81
N ARG A 87 3.64 7.09 -2.98
CA ARG A 87 4.94 7.60 -2.54
C ARG A 87 5.31 8.89 -3.26
N ASN A 88 4.78 9.11 -4.46
CA ASN A 88 5.11 10.33 -5.19
C ASN A 88 4.70 11.58 -4.42
N LEU A 89 3.64 11.47 -3.62
CA LEU A 89 3.19 12.60 -2.80
C LEU A 89 3.58 12.46 -1.34
N LEU A 90 3.73 11.23 -0.83
CA LEU A 90 4.09 11.04 0.57
C LEU A 90 5.45 11.67 0.88
N THR A 91 6.39 11.59 -0.06
CA THR A 91 7.72 12.14 0.16
C THR A 91 7.67 13.64 0.40
N GLN A 92 6.70 14.33 -0.19
CA GLN A 92 6.68 15.79 -0.13
C GLN A 92 6.24 16.29 1.25
N ILE A 93 5.39 15.53 1.95
CA ILE A 93 5.03 15.91 3.32
C ILE A 93 6.02 15.37 4.35
N GLY A 94 7.09 14.72 3.92
CA GLY A 94 8.08 14.19 4.84
C GLY A 94 7.63 12.95 5.59
N CYS A 95 6.80 12.13 4.98
CA CYS A 95 6.27 10.95 5.65
C CYS A 95 7.32 9.86 5.76
N THR A 96 7.37 9.21 6.92
CA THR A 96 8.32 8.13 7.16
C THR A 96 7.62 6.97 7.85
N LEU A 97 8.17 5.77 7.65
CA LEU A 97 7.79 4.60 8.43
C LEU A 97 8.76 4.44 9.60
N ASN A 98 8.22 4.06 10.75
CA ASN A 98 9.03 3.96 11.97
C ASN A 98 8.71 2.68 12.71
N PHE A 99 9.75 1.96 13.13
CA PHE A 99 9.58 0.81 14.01
C PHE A 99 10.94 0.41 14.61
N PRO B 1 14.19 1.09 12.93
CA PRO B 1 14.63 2.01 11.88
C PRO B 1 13.55 2.99 11.44
N GLN B 2 13.97 4.14 10.93
CA GLN B 2 13.09 5.09 10.27
C GLN B 2 13.34 5.01 8.77
N ILE B 3 12.26 4.84 8.00
CA ILE B 3 12.36 4.60 6.56
C ILE B 3 11.70 5.75 5.82
N THR B 4 12.46 6.40 4.95
CA THR B 4 11.90 7.38 4.04
C THR B 4 11.29 6.66 2.82
N LEU B 5 10.56 7.41 2.00
CA LEU B 5 9.74 6.83 0.96
C LEU B 5 10.16 7.27 -0.44
N TRP B 6 11.40 7.73 -0.60
CA TRP B 6 11.91 8.01 -1.94
C TRP B 6 12.12 6.74 -2.73
N LYS B 7 12.37 5.63 -2.04
CA LYS B 7 12.43 4.30 -2.63
C LYS B 7 11.34 3.44 -2.02
N ARG B 8 11.01 2.34 -2.70
CA ARG B 8 10.05 1.39 -2.17
C ARG B 8 10.49 0.92 -0.79
N PRO B 9 9.62 0.95 0.23
CA PRO B 9 10.06 0.48 1.57
C PRO B 9 10.12 -1.05 1.63
N ILE B 10 11.15 -1.60 1.00
CA ILE B 10 11.33 -3.05 0.91
C ILE B 10 12.31 -3.49 1.99
N VAL B 11 11.95 -4.52 2.74
CA VAL B 11 12.78 -5.03 3.81
C VAL B 11 13.06 -6.51 3.55
N THR B 12 14.11 -7.01 4.20
CA THR B 12 14.48 -8.41 4.12
C THR B 12 13.82 -9.16 5.28
N ILE B 13 13.18 -10.28 4.98
CA ILE B 13 12.43 -11.04 5.97
C ILE B 13 12.72 -12.53 5.81
N LYS B 14 12.53 -13.26 6.90
CA LYS B 14 12.69 -14.71 6.92
C LYS B 14 11.33 -15.35 7.19
N ILE B 15 10.96 -16.31 6.35
CA ILE B 15 9.66 -16.96 6.44
C ILE B 15 9.82 -18.40 5.98
N GLY B 16 9.34 -19.34 6.79
CA GLY B 16 9.42 -20.75 6.43
C GLY B 16 10.83 -21.19 6.12
N GLY B 17 11.81 -20.69 6.87
CA GLY B 17 13.19 -21.01 6.61
C GLY B 17 13.77 -20.38 5.36
N GLN B 18 12.97 -19.61 4.62
CA GLN B 18 13.41 -18.99 3.38
C GLN B 18 13.59 -17.49 3.59
N LEU B 19 14.53 -16.92 2.84
CA LEU B 19 14.76 -15.48 2.84
C LEU B 19 14.03 -14.84 1.67
N LYS B 20 13.36 -13.72 1.93
CA LYS B 20 12.61 -13.02 0.91
C LYS B 20 12.62 -11.53 1.20
N GLU B 21 12.30 -10.75 0.18
CA GLU B 21 12.12 -9.31 0.32
C GLU B 21 10.63 -8.99 0.18
N ALA B 22 10.16 -8.03 0.96
CA ALA B 22 8.75 -7.70 1.00
C ALA B 22 8.56 -6.21 1.19
N LEU B 23 7.44 -5.71 0.69
CA LEU B 23 7.12 -4.28 0.71
C LEU B 23 6.34 -3.96 1.97
N LEU B 24 6.85 -3.02 2.77
CA LEU B 24 6.09 -2.49 3.91
C LEU B 24 4.95 -1.67 3.34
N ASP B 25 3.74 -2.22 3.40
CA ASP B 25 2.59 -1.67 2.70
C ASP B 25 1.49 -1.30 3.69
N THR B 26 1.41 -0.01 4.03
CA THR B 26 0.32 0.45 4.88
C THR B 26 -1.03 0.37 4.18
N GLY B 27 -1.04 0.30 2.86
CA GLY B 27 -2.27 0.12 2.11
C GLY B 27 -2.79 -1.29 2.05
N ALA B 28 -2.08 -2.24 2.65
CA ALA B 28 -2.45 -3.65 2.64
C ALA B 28 -2.96 -4.04 4.02
N ASP B 29 -4.22 -4.46 4.10
CA ASP B 29 -4.79 -4.90 5.36
C ASP B 29 -4.05 -6.11 5.90
N ASP B 30 -3.63 -7.02 5.02
CA ASP B 30 -3.04 -8.29 5.42
C ASP B 30 -1.82 -8.58 4.55
N THR B 31 -1.03 -9.55 5.00
CA THR B 31 0.20 -9.92 4.31
C THR B 31 -0.10 -10.88 3.17
N ILE B 32 0.58 -10.67 2.04
CA ILE B 32 0.41 -11.50 0.85
C ILE B 32 1.80 -11.76 0.26
N PHE B 33 2.07 -13.02 -0.05
CA PHE B 33 3.35 -13.44 -0.59
C PHE B 33 3.17 -14.17 -1.91
N GLU B 34 4.11 -13.98 -2.83
CA GLU B 34 4.15 -14.78 -4.04
C GLU B 34 4.18 -16.26 -3.68
N GLU B 35 4.03 -17.10 -4.71
CA GLU B 35 3.93 -18.53 -4.47
C GLU B 35 5.14 -19.04 -3.68
N MET B 36 4.86 -19.85 -2.69
CA MET B 36 5.86 -20.49 -1.85
C MET B 36 5.12 -21.66 -1.25
N ASN B 37 5.77 -22.82 -1.12
CA ASN B 37 5.01 -23.96 -0.55
C ASN B 37 5.29 -23.98 0.98
N LEU B 38 4.64 -23.07 1.68
CA LEU B 38 4.61 -23.07 3.13
C LEU B 38 4.03 -24.40 3.59
N PRO B 39 4.42 -24.85 4.77
CA PRO B 39 3.87 -26.10 5.27
C PRO B 39 2.54 -25.88 5.97
N GLY B 40 1.73 -26.93 5.97
CA GLY B 40 0.54 -26.97 6.78
C GLY B 40 -0.74 -26.78 5.98
N ARG B 41 -1.84 -26.69 6.75
CA ARG B 41 -3.19 -26.54 6.22
C ARG B 41 -3.45 -25.10 5.80
N TRP B 42 -4.51 -24.93 5.00
CA TRP B 42 -4.89 -23.61 4.52
C TRP B 42 -6.33 -23.62 4.05
N LYS B 43 -6.89 -22.43 3.88
CA LYS B 43 -8.27 -22.25 3.42
C LYS B 43 -8.27 -21.31 2.22
N PRO B 44 -9.01 -21.63 1.16
CA PRO B 44 -9.08 -20.73 0.01
C PRO B 44 -9.64 -19.35 0.37
N ILE B 45 -9.08 -18.32 -0.26
CA ILE B 45 -9.49 -16.95 -0.02
C ILE B 45 -9.33 -16.15 -1.31
N ILE B 46 -10.21 -15.19 -1.51
CA ILE B 46 -10.17 -14.29 -2.66
C ILE B 46 -10.03 -12.86 -2.15
N ILE B 47 -8.96 -12.18 -2.55
CA ILE B 47 -8.74 -10.80 -2.15
C ILE B 47 -8.83 -9.90 -3.39
N GLY B 48 -8.98 -8.61 -3.15
CA GLY B 48 -9.13 -7.66 -4.23
C GLY B 48 -8.23 -6.45 -4.05
N GLY B 49 -7.80 -5.91 -5.19
CA GLY B 49 -6.99 -4.70 -5.23
C GLY B 49 -7.18 -3.96 -6.53
N VAL B 50 -6.20 -3.14 -6.90
CA VAL B 50 -6.26 -2.42 -8.17
C VAL B 50 -6.09 -3.43 -9.31
N GLY B 51 -7.05 -3.44 -10.22
CA GLY B 51 -7.04 -4.37 -11.34
C GLY B 51 -7.89 -5.59 -11.16
N GLY B 52 -8.51 -5.77 -10.00
CA GLY B 52 -9.37 -6.92 -9.78
C GLY B 52 -9.08 -7.70 -8.51
N PHE B 53 -9.31 -9.01 -8.58
CA PHE B 53 -9.18 -9.89 -7.43
C PHE B 53 -8.30 -11.07 -7.81
N ILE B 54 -7.68 -11.67 -6.81
CA ILE B 54 -6.90 -12.90 -7.00
C ILE B 54 -7.29 -13.90 -5.93
N LYS B 55 -7.20 -15.19 -6.29
CA LYS B 55 -7.44 -16.28 -5.35
C LYS B 55 -6.13 -16.66 -4.69
N VAL B 56 -6.15 -16.82 -3.37
CA VAL B 56 -4.94 -17.08 -2.60
C VAL B 56 -5.24 -18.13 -1.54
N ARG B 57 -4.17 -18.69 -0.98
CA ARG B 57 -4.25 -19.67 0.09
C ARG B 57 -3.94 -18.97 1.40
N GLN B 58 -4.82 -19.12 2.38
CA GLN B 58 -4.67 -18.45 3.66
C GLN B 58 -4.07 -19.41 4.69
N TYR B 59 -2.96 -18.98 5.29
CA TYR B 59 -2.34 -19.69 6.41
C TYR B 59 -2.38 -18.76 7.62
N ASP B 60 -2.76 -19.30 8.77
CA ASP B 60 -2.85 -18.52 10.00
C ASP B 60 -1.73 -18.89 10.96
N GLN B 61 -1.36 -17.93 11.81
CA GLN B 61 -0.31 -18.12 12.82
C GLN B 61 1.00 -18.59 12.20
N ILE B 62 1.47 -17.82 11.22
CA ILE B 62 2.75 -18.10 10.56
C ILE B 62 3.80 -17.13 11.09
N LEU B 63 4.99 -17.67 11.38
CA LEU B 63 6.08 -16.88 11.93
C LEU B 63 6.85 -16.18 10.82
N ILE B 64 6.93 -14.85 10.90
CA ILE B 64 7.76 -14.05 10.01
C ILE B 64 8.74 -13.25 10.86
N GLU B 65 9.95 -13.09 10.35
CA GLU B 65 10.94 -12.19 10.96
C GLU B 65 11.13 -11.02 10.01
N ILE B 66 10.54 -9.88 10.35
CA ILE B 66 10.56 -8.69 9.52
C ILE B 66 11.69 -7.79 10.02
N CYS B 67 12.77 -7.69 9.25
CA CYS B 67 13.93 -6.89 9.62
C CYS B 67 14.42 -7.26 11.02
N GLY B 68 14.49 -8.56 11.27
CA GLY B 68 14.94 -9.02 12.58
C GLY B 68 13.92 -8.87 13.68
N HIS B 69 12.65 -8.67 13.33
CA HIS B 69 11.57 -8.57 14.30
C HIS B 69 10.59 -9.71 14.03
N LYS B 70 10.39 -10.56 15.04
CA LYS B 70 9.52 -11.73 14.88
C LYS B 70 8.07 -11.35 15.13
N VAL B 71 7.18 -11.93 14.31
CA VAL B 71 5.74 -11.74 14.45
C VAL B 71 5.03 -13.00 13.96
N ILE B 72 3.82 -13.21 14.46
CA ILE B 72 3.00 -14.37 14.11
C ILE B 72 1.64 -13.86 13.66
N GLY B 73 1.25 -14.20 12.43
CA GLY B 73 -0.01 -13.74 11.92
C GLY B 73 -0.40 -14.46 10.66
N THR B 74 -1.51 -14.01 10.06
CA THR B 74 -2.00 -14.60 8.84
C THR B 74 -1.14 -14.18 7.64
N VAL B 75 -0.83 -15.14 6.79
CA VAL B 75 -0.04 -14.90 5.59
C VAL B 75 -0.77 -15.53 4.41
N LEU B 76 -1.13 -14.70 3.44
CA LEU B 76 -1.78 -15.17 2.22
C LEU B 76 -0.75 -15.49 1.16
N VAL B 77 -1.00 -16.54 0.38
CA VAL B 77 -0.10 -16.99 -0.68
C VAL B 77 -0.89 -17.05 -1.97
N GLY B 78 -0.40 -16.35 -3.00
CA GLY B 78 -1.08 -16.31 -4.27
C GLY B 78 -0.34 -15.48 -5.31
N PRO B 79 -1.00 -15.25 -6.45
CA PRO B 79 -0.33 -14.58 -7.59
C PRO B 79 -0.23 -13.07 -7.42
N THR B 80 0.45 -12.64 -6.36
CA THR B 80 0.76 -11.22 -6.23
C THR B 80 2.03 -10.90 -7.01
N PRO B 81 2.11 -9.72 -7.63
CA PRO B 81 3.36 -9.34 -8.32
C PRO B 81 4.49 -8.97 -7.38
N ILE B 82 4.22 -8.82 -6.08
CA ILE B 82 5.25 -8.44 -5.12
C ILE B 82 4.79 -8.88 -3.74
N ASN B 83 5.75 -9.28 -2.91
CA ASN B 83 5.46 -9.61 -1.52
C ASN B 83 5.12 -8.34 -0.76
N VAL B 84 4.05 -8.39 0.03
CA VAL B 84 3.53 -7.21 0.72
C VAL B 84 3.31 -7.55 2.18
N ILE B 85 3.91 -6.77 3.07
CA ILE B 85 3.66 -6.86 4.49
C ILE B 85 2.48 -5.95 4.80
N GLY B 86 1.34 -6.53 5.17
CA GLY B 86 0.13 -5.77 5.42
C GLY B 86 0.01 -5.34 6.88
N ARG B 87 -1.04 -4.56 7.14
CA ARG B 87 -1.24 -3.99 8.46
C ARG B 87 -1.39 -5.06 9.54
N ASN B 88 -1.82 -6.28 9.17
CA ASN B 88 -1.98 -7.33 10.16
C ASN B 88 -0.68 -7.65 10.88
N LEU B 89 0.45 -7.50 10.18
CA LEU B 89 1.76 -7.75 10.79
C LEU B 89 2.50 -6.47 11.14
N LEU B 90 2.24 -5.36 10.43
CA LEU B 90 2.92 -4.11 10.74
C LEU B 90 2.61 -3.66 12.15
N THR B 91 1.37 -3.87 12.61
CA THR B 91 1.00 -3.45 13.95
C THR B 91 1.83 -4.16 15.02
N GLN B 92 2.25 -5.39 14.74
CA GLN B 92 2.93 -6.20 15.77
C GLN B 92 4.36 -5.71 16.00
N ILE B 93 5.02 -5.18 14.97
CA ILE B 93 6.32 -4.58 15.16
C ILE B 93 6.22 -3.12 15.57
N GLY B 94 5.01 -2.61 15.76
CA GLY B 94 4.82 -1.23 16.17
C GLY B 94 5.08 -0.22 15.09
N CYS B 95 4.80 -0.57 13.83
CA CYS B 95 5.09 0.34 12.74
C CYS B 95 4.08 1.49 12.71
N THR B 96 4.59 2.69 12.50
CA THR B 96 3.76 3.89 12.46
C THR B 96 4.16 4.77 11.29
N LEU B 97 3.21 5.57 10.81
CA LEU B 97 3.49 6.63 9.86
C LEU B 97 3.68 7.94 10.62
N ASN B 98 4.66 8.72 10.18
CA ASN B 98 5.00 9.99 10.84
C ASN B 98 5.22 11.06 9.80
N PHE B 99 4.65 12.24 10.02
CA PHE B 99 4.92 13.41 9.19
C PHE B 99 4.46 14.69 9.90
N1 017 C . -4.78 -8.01 2.42
C2 017 C . -4.43 -7.18 1.23
C3 017 C . -3.10 -6.97 0.92
C4 017 C . -2.78 -6.20 -0.18
C5 017 C . -3.77 -5.64 -0.97
C6 017 C . -5.09 -5.84 -0.66
C7 017 C . -5.43 -6.61 0.45
S8 017 C . -3.31 -4.61 -2.43
O9 017 C . -2.02 -5.01 -2.95
O10 017 C . -4.20 -4.85 -3.59
N11 017 C . -3.27 -2.94 -1.95
C12 017 C . -4.57 -2.28 -1.68
C13 017 C . -4.66 -0.93 -2.39
C14 017 C . -5.85 -0.88 -3.41
C15 017 C . -4.81 0.22 -1.34
C16 017 C . -1.98 -2.45 -1.26
C17 017 C . -1.23 -1.42 -2.17
O18 017 C . -0.14 -0.92 -1.50
C19 017 C . -0.75 -2.06 -3.46
N20 017 C . -0.24 -0.99 -4.30
C21 017 C . -0.83 -0.62 -5.61
O22 017 C . -1.85 -1.10 -5.96
O23 017 C . -0.14 0.31 -6.38
C24 017 C . -0.76 0.67 -7.60
C25 017 C . -1.79 1.94 -7.31
O26 017 C . -0.97 2.97 -7.06
C27 017 C . 0.34 2.65 -7.88
O28 017 C . 1.35 2.56 -7.14
C29 017 C . 2.28 1.40 -7.79
C30 017 C . 1.47 0.50 -8.31
C31 017 C . 0.15 1.17 -8.44
C32 017 C . 0.39 -3.05 -3.28
C33 017 C . 0.27 -4.19 -5.53
C34 017 C . 0.82 -4.57 -6.77
C35 017 C . 2.13 -4.20 -7.08
C36 017 C . 2.88 -3.47 -6.20
C37 017 C . 2.33 -3.08 -4.96
C38 017 C . 1.01 -3.45 -4.63
H11 017 C . -5.33 -7.71 3.02
H12 017 C . -4.44 -8.81 2.51
H3 017 C . -2.43 -7.35 1.43
H4 017 C . -1.88 -6.05 -0.40
H6 017 C . -5.76 -5.46 -1.18
H7 017 C . -6.32 -6.75 0.66
H121 017 C . -4.66 -2.15 -0.76
H122 017 C . -5.27 -2.83 -1.99
H13 017 C . -3.86 -0.79 -2.87
H141 017 C . -6.62 -1.21 -3.00
H142 017 C . -6.00 0.00 -3.68
H143 017 C . -5.64 -1.41 -4.15
H151 017 C . -5.45 -0.03 -0.71
H152 017 C . -3.98 0.36 -0.92
H153 017 C . -5.07 1.01 -1.77
H161 017 C . -2.20 -2.05 -0.45
H162 017 C . -1.41 -3.18 -1.11
H17 017 C . -1.84 -0.73 -2.36
H18 017 C . 0.14 -0.24 -1.90
H19 017 C . -1.47 -2.53 -3.84
H20 017 C . 0.44 -0.54 -4.02
H24 017 C . -1.20 -0.06 -8.00
H251 017 C . -2.33 1.76 -6.56
H252 017 C . -2.33 2.11 -8.07
H27 017 C . 0.47 3.28 -8.57
H291 017 C . 2.82 1.00 -7.12
H292 017 C . 2.83 1.77 -8.46
H301 017 C . 1.79 0.25 -9.16
H302 017 C . 1.41 -0.24 -7.74
H31 017 C . -0.13 1.15 -9.34
H321 017 C . 1.05 -2.64 -2.75
H322 017 C . 0.07 -3.81 -2.85
H33 017 C . -0.61 -4.43 -5.32
H34 017 C . 0.32 -5.07 -7.36
H35 017 C . 2.51 -4.46 -7.90
H36 017 C . 3.75 -3.21 -6.40
H37 017 C . 2.83 -2.59 -4.36
#